data_8EG3
#
_entry.id   8EG3
#
_cell.length_a   117.190
_cell.length_b   117.190
_cell.length_c   102.680
_cell.angle_alpha   90.000
_cell.angle_beta   90.000
_cell.angle_gamma   120.000
#
_symmetry.space_group_name_H-M   'P 3 2 1'
#
loop_
_entity.id
_entity.type
_entity.pdbx_description
1 polymer Steryl-sulfatase
2 non-polymer 'CALCIUM ION'
3 non-polymer 2-acetamido-2-deoxy-beta-D-glucopyranose
4 non-polymer 'PHOSPHATE ION'
5 non-polymer 'octyl beta-D-glucopyranoside'
6 water water
#
_entity_poly.entity_id   1
_entity_poly.type   'polypeptide(L)'
_entity_poly.pdbx_seq_one_letter_code
;MPLRKMKIPFLLLFFLWEAESHAASRPNIILVMADDLGIGDPGCYGNKTIRTPNIDRLASGGVKLTQHLAASPL(ALS)T
PSRAAFMTGRYPVRSGMASWSRTGVFLFTASSGGLPTDEITFAKLLKDQGYSTALIGKWHLGMSCHSKTDFCHHPLHHGF
NYFYGISLTNLRDCKPGEGSVFTTGFKRLVFLPLQIVGVTLLTLAALNCLGLLHVPLGVFFSLLFLAALILTLFLGFLHY
FRPLNCFMMRNYEIIQQPMSYDNLTQRLTVEAAQFIQRNTETPFLLVLSYLHVHTALFSSKDFAGKSQHGVYGDAVEEMD
WSVGQILNLLDELRLANDTLIYFTSDQGAHVEEVSSKGEIHGGSNGIYKGGKANNWEGGIRVPGILRWPRVIQAGQKIDE
PTSNMDIFPTVAKLAGAPLPEDRIIDGRDLMPLLEGKSQRSDHEFLFHYCNAYLNAVRWHPQNSTSIWKAFFFTPNFNPV
GSNGCFATHVCFCFGSYVTHHDPPLLFDISKDPRERNPLTPASEPRFYEILKVMQEAADRHTQTLPEVPDQFSWNNFLWK
PWLQLCCPSTGLSCQCDREKQDKRLSR
;
_entity_poly.pdbx_strand_id   A
#
loop_
_chem_comp.id
_chem_comp.type
_chem_comp.name
_chem_comp.formula
BOG D-saccharide 'octyl beta-D-glucopyranoside' 'C14 H28 O6'
CA non-polymer 'CALCIUM ION' 'Ca 2'
NAG D-saccharide, beta linking 2-acetamido-2-deoxy-beta-D-glucopyranose 'C8 H15 N O6'
PO4 non-polymer 'PHOSPHATE ION' 'O4 P -3'
#
# COMPACT_ATOMS: atom_id res chain seq x y z
N ALA A 23 -22.82 -16.60 7.63
CA ALA A 23 -23.77 -16.33 8.71
C ALA A 23 -23.57 -17.29 9.88
N ALA A 24 -22.50 -17.07 10.65
CA ALA A 24 -22.14 -17.91 11.80
C ALA A 24 -21.92 -19.37 11.42
N SER A 25 -21.39 -19.61 10.22
CA SER A 25 -20.95 -20.94 9.80
C SER A 25 -19.45 -21.15 9.99
N ARG A 26 -18.73 -20.08 10.31
CA ARG A 26 -17.30 -20.04 10.63
C ARG A 26 -16.44 -20.81 9.62
N PRO A 27 -16.39 -20.37 8.37
CA PRO A 27 -15.40 -20.92 7.44
C PRO A 27 -14.01 -20.40 7.77
N ASN A 28 -13.01 -21.08 7.22
CA ASN A 28 -11.68 -20.52 7.23
C ASN A 28 -11.61 -19.37 6.24
N ILE A 29 -10.67 -18.46 6.46
CA ILE A 29 -10.59 -17.24 5.67
C ILE A 29 -9.13 -16.94 5.38
N ILE A 30 -8.78 -16.83 4.10
CA ILE A 30 -7.44 -16.42 3.69
C ILE A 30 -7.58 -15.19 2.82
N LEU A 31 -6.93 -14.11 3.25
CA LEU A 31 -6.94 -12.84 2.54
C LEU A 31 -5.53 -12.62 2.03
N VAL A 32 -5.39 -12.54 0.70
CA VAL A 32 -4.08 -12.43 0.06
C VAL A 32 -3.97 -11.05 -0.53
N MET A 33 -2.92 -10.31 -0.17
CA MET A 33 -2.71 -8.98 -0.69
C MET A 33 -1.34 -8.90 -1.35
N ALA A 34 -1.32 -8.65 -2.66
CA ALA A 34 -0.08 -8.26 -3.32
C ALA A 34 0.23 -6.78 -3.07
N ASP A 35 1.47 -6.39 -3.35
CA ASP A 35 1.97 -5.02 -3.17
C ASP A 35 2.23 -4.43 -4.55
N ASP A 36 1.44 -3.43 -4.93
CA ASP A 36 1.59 -2.69 -6.19
C ASP A 36 1.42 -3.56 -7.43
N LEU A 37 0.66 -4.64 -7.33
CA LEU A 37 0.28 -5.39 -8.52
C LEU A 37 -0.81 -4.63 -9.27
N GLY A 38 -0.51 -4.27 -10.52
CA GLY A 38 -1.47 -3.54 -11.32
C GLY A 38 -2.56 -4.44 -11.89
N ILE A 39 -3.71 -3.83 -12.16
CA ILE A 39 -4.87 -4.60 -12.61
C ILE A 39 -4.62 -5.17 -14.00
N GLY A 40 -3.65 -4.63 -14.74
CA GLY A 40 -3.25 -5.20 -16.01
C GLY A 40 -2.18 -6.27 -15.92
N ASP A 41 -1.86 -6.78 -14.74
CA ASP A 41 -0.80 -7.78 -14.64
C ASP A 41 -1.31 -9.23 -14.65
N PRO A 42 -2.34 -9.60 -13.89
CA PRO A 42 -2.75 -11.02 -13.88
C PRO A 42 -3.32 -11.50 -15.21
N GLY A 43 -3.08 -12.78 -15.47
CA GLY A 43 -3.66 -13.41 -16.65
C GLY A 43 -5.17 -13.25 -16.69
N CYS A 44 -5.83 -13.52 -15.56
CA CYS A 44 -7.29 -13.50 -15.57
C CYS A 44 -7.88 -12.11 -15.76
N TYR A 45 -7.07 -11.05 -15.81
CA TYR A 45 -7.58 -9.71 -16.07
C TYR A 45 -7.21 -9.20 -17.46
N GLY A 46 -6.67 -10.05 -18.33
CA GLY A 46 -6.41 -9.70 -19.71
C GLY A 46 -4.96 -9.81 -20.14
N ASN A 47 -4.02 -9.95 -19.23
CA ASN A 47 -2.62 -9.95 -19.67
C ASN A 47 -2.27 -11.31 -20.27
N LYS A 48 -1.70 -11.26 -21.48
CA LYS A 48 -1.48 -12.45 -22.28
C LYS A 48 -0.05 -12.98 -22.21
N THR A 49 0.82 -12.37 -21.41
CA THR A 49 2.22 -12.76 -21.36
C THR A 49 2.79 -13.01 -19.96
N ILE A 50 2.17 -12.48 -18.89
CA ILE A 50 2.51 -12.83 -17.51
C ILE A 50 1.80 -14.14 -17.14
N ARG A 51 2.57 -15.16 -16.78
CA ARG A 51 1.95 -16.34 -16.15
C ARG A 51 1.52 -16.13 -14.71
N THR A 52 0.21 -16.02 -14.52
CA THR A 52 -0.41 -16.18 -13.20
C THR A 52 -1.43 -17.32 -13.20
N PRO A 53 -0.99 -18.55 -13.49
CA PRO A 53 -1.94 -19.68 -13.50
C PRO A 53 -2.61 -19.96 -12.16
N ASN A 54 -2.02 -19.58 -11.04
CA ASN A 54 -2.75 -19.95 -9.85
C ASN A 54 -3.74 -18.89 -9.43
N ILE A 55 -3.45 -17.62 -9.70
CA ILE A 55 -4.42 -16.56 -9.44
C ILE A 55 -5.60 -16.66 -10.39
N ASP A 56 -5.36 -16.92 -11.68
CA ASP A 56 -6.51 -17.00 -12.58
C ASP A 56 -7.32 -18.26 -12.32
N ARG A 57 -6.69 -19.32 -11.81
CA ARG A 57 -7.40 -20.47 -11.25
C ARG A 57 -8.42 -20.03 -10.22
N LEU A 58 -7.99 -19.14 -9.31
CA LEU A 58 -8.88 -18.60 -8.28
C LEU A 58 -10.07 -17.89 -8.89
N ALA A 59 -9.83 -17.03 -9.89
CA ALA A 59 -10.91 -16.31 -10.54
C ALA A 59 -11.84 -17.25 -11.33
N SER A 60 -11.28 -18.29 -11.97
CA SER A 60 -12.14 -19.20 -12.71
C SER A 60 -12.99 -20.03 -11.75
N GLY A 61 -12.46 -20.38 -10.58
CA GLY A 61 -13.24 -21.09 -9.57
C GLY A 61 -14.11 -20.22 -8.69
N GLY A 62 -14.06 -18.91 -8.86
CA GLY A 62 -14.82 -18.03 -8.00
C GLY A 62 -15.36 -16.83 -8.73
N VAL A 63 -15.20 -15.66 -8.13
CA VAL A 63 -15.76 -14.42 -8.64
C VAL A 63 -14.63 -13.42 -8.83
N LYS A 64 -14.68 -12.70 -9.96
CA LYS A 64 -13.65 -11.75 -10.33
C LYS A 64 -14.31 -10.37 -10.33
N LEU A 65 -13.94 -9.53 -9.37
CA LEU A 65 -14.48 -8.19 -9.27
C LEU A 65 -13.83 -7.25 -10.30
N THR A 66 -14.67 -6.51 -11.01
CA THR A 66 -14.30 -5.65 -12.13
C THR A 66 -14.10 -4.20 -11.73
N GLN A 67 -14.72 -3.76 -10.64
CA GLN A 67 -14.60 -2.40 -10.15
C GLN A 67 -14.32 -2.46 -8.65
N HIS A 68 -13.21 -3.09 -8.29
CA HIS A 68 -12.75 -3.18 -6.92
C HIS A 68 -11.73 -2.07 -6.67
N LEU A 69 -12.01 -1.24 -5.67
CA LEU A 69 -11.37 0.05 -5.50
C LEU A 69 -10.66 0.08 -4.16
N ALA A 70 -9.34 0.21 -4.19
CA ALA A 70 -8.61 0.47 -2.96
C ALA A 70 -9.02 1.83 -2.39
N ALA A 71 -9.01 1.92 -1.06
CA ALA A 71 -9.37 3.17 -0.40
C ALA A 71 -8.27 4.23 -0.45
N SER A 72 -7.08 3.89 -0.94
CA SER A 72 -6.04 4.90 -1.17
C SER A 72 -5.03 4.34 -2.14
N PRO A 73 -4.33 5.19 -2.87
CA PRO A 73 -3.33 4.69 -3.82
C PRO A 73 -1.94 4.63 -3.22
N LEU A 74 -1.86 4.52 -1.90
CA LEU A 74 -0.56 4.33 -1.25
C LEU A 74 -0.73 3.23 -0.21
C ALS A 75 -0.27 1.58 2.40
O ALS A 75 -1.25 0.89 2.74
CA ALS A 75 0.37 1.41 1.07
N ALS A 75 0.39 2.61 0.17
CB ALS A 75 1.79 0.97 1.35
OG ALS A 75 1.76 -0.19 2.19
OS1 ALS A 75 2.34 0.62 0.14
S ALS A 75 3.56 1.44 -0.50
OS2 ALS A 75 4.75 1.37 0.36
OS3 ALS A 75 3.87 0.78 -1.82
OS4 ALS A 75 3.16 2.84 -0.76
N THR A 76 0.30 2.47 3.21
CA THR A 76 -0.11 2.54 4.59
C THR A 76 -1.62 2.86 4.73
N PRO A 77 -2.13 3.90 4.05
CA PRO A 77 -3.57 4.19 4.23
C PRO A 77 -4.47 3.13 3.62
N SER A 78 -4.09 2.57 2.45
CA SER A 78 -4.89 1.49 1.89
C SER A 78 -4.96 0.32 2.86
N ARG A 79 -3.83 -0.06 3.46
CA ARG A 79 -3.85 -1.16 4.40
C ARG A 79 -4.60 -0.80 5.68
N ALA A 80 -4.49 0.44 6.16
CA ALA A 80 -5.30 0.86 7.31
C ALA A 80 -6.78 0.66 7.03
N ALA A 81 -7.25 1.13 5.87
CA ALA A 81 -8.65 1.00 5.54
C ALA A 81 -9.08 -0.46 5.36
N PHE A 82 -8.18 -1.29 4.82
CA PHE A 82 -8.49 -2.71 4.69
C PHE A 82 -8.66 -3.36 6.07
N MET A 83 -7.78 -3.01 7.02
CA MET A 83 -7.84 -3.65 8.34
C MET A 83 -9.06 -3.21 9.15
N THR A 84 -9.52 -1.97 8.95
CA THR A 84 -10.55 -1.38 9.78
C THR A 84 -11.89 -1.22 9.09
N GLY A 85 -11.95 -1.36 7.77
CA GLY A 85 -13.18 -1.11 7.06
C GLY A 85 -13.59 0.35 7.08
N ARG A 86 -12.61 1.25 7.17
CA ARG A 86 -12.86 2.67 7.45
C ARG A 86 -11.89 3.52 6.64
N TYR A 87 -12.40 4.62 6.10
CA TYR A 87 -11.56 5.58 5.40
C TYR A 87 -10.36 5.94 6.27
N PRO A 88 -9.17 6.08 5.69
CA PRO A 88 -7.99 6.36 6.50
C PRO A 88 -8.08 7.67 7.28
N VAL A 89 -8.80 8.68 6.77
CA VAL A 89 -8.92 9.90 7.56
C VAL A 89 -9.66 9.64 8.86
N ARG A 90 -10.53 8.63 8.93
CA ARG A 90 -11.23 8.38 10.18
C ARG A 90 -10.27 7.98 11.29
N SER A 91 -9.10 7.44 10.94
CA SER A 91 -8.14 6.99 11.94
C SER A 91 -6.85 7.79 11.91
N GLY A 92 -6.85 8.94 11.26
CA GLY A 92 -5.65 9.76 11.16
C GLY A 92 -4.50 9.06 10.47
N MET A 93 -4.79 8.09 9.61
CA MET A 93 -3.78 7.31 8.87
C MET A 93 -3.54 7.83 7.46
N ALA A 94 -3.64 9.14 7.26
CA ALA A 94 -3.36 9.79 5.99
C ALA A 94 -2.70 11.13 6.27
N SER A 95 -1.60 11.41 5.56
CA SER A 95 -0.82 12.59 5.91
C SER A 95 -1.27 13.84 5.17
N TRP A 96 -0.86 14.99 5.70
CA TRP A 96 -1.03 16.27 5.06
C TRP A 96 0.22 16.70 4.30
N SER A 97 1.35 16.02 4.56
CA SER A 97 2.63 16.33 3.96
C SER A 97 2.88 15.42 2.77
N ARG A 98 4.10 15.47 2.23
CA ARG A 98 4.46 14.70 1.07
C ARG A 98 4.67 13.23 1.38
N THR A 99 5.01 12.89 2.62
CA THR A 99 5.27 11.51 3.01
C THR A 99 3.94 10.85 3.36
N GLY A 100 3.50 9.90 2.52
CA GLY A 100 2.21 9.28 2.70
C GLY A 100 2.25 7.91 3.37
N VAL A 101 3.45 7.35 3.54
CA VAL A 101 3.62 6.06 4.21
C VAL A 101 4.75 6.13 5.21
N PHE A 102 4.70 5.21 6.18
CA PHE A 102 5.79 5.15 7.16
C PHE A 102 7.08 4.71 6.48
N LEU A 103 8.18 5.38 6.81
CA LEU A 103 9.47 5.07 6.21
C LEU A 103 10.53 4.65 7.20
N PHE A 104 10.23 4.65 8.52
CA PHE A 104 11.17 4.25 9.56
C PHE A 104 10.47 3.30 10.51
N THR A 105 11.14 2.20 10.86
CA THR A 105 10.52 1.31 11.83
C THR A 105 10.45 1.98 13.19
N ALA A 106 11.42 2.84 13.50
CA ALA A 106 11.51 3.53 14.79
C ALA A 106 10.80 4.87 14.80
N SER A 107 9.55 4.89 14.34
CA SER A 107 8.71 6.07 14.38
C SER A 107 7.46 5.71 15.15
N SER A 108 6.78 6.72 15.72
CA SER A 108 5.70 6.44 16.65
C SER A 108 4.32 6.39 16.01
N GLY A 109 4.16 6.81 14.76
CA GLY A 109 2.85 6.75 14.12
C GLY A 109 2.44 5.32 13.79
N GLY A 110 1.14 5.08 13.79
CA GLY A 110 0.66 3.74 13.55
C GLY A 110 -0.83 3.65 13.71
N LEU A 111 -1.37 2.50 13.33
CA LEU A 111 -2.81 2.24 13.44
C LEU A 111 -3.22 2.45 14.88
N PRO A 112 -4.11 3.42 15.17
CA PRO A 112 -4.34 3.80 16.57
C PRO A 112 -4.83 2.63 17.41
N THR A 113 -4.46 2.67 18.69
CA THR A 113 -4.85 1.61 19.61
C THR A 113 -6.35 1.53 19.76
N ASP A 114 -7.09 2.61 19.51
CA ASP A 114 -8.54 2.50 19.66
C ASP A 114 -9.24 2.02 18.40
N GLU A 115 -8.53 1.77 17.30
CA GLU A 115 -9.16 1.18 16.13
C GLU A 115 -9.32 -0.33 16.30
N ILE A 116 -10.33 -0.88 15.62
CA ILE A 116 -10.65 -2.30 15.72
C ILE A 116 -10.46 -2.94 14.33
N THR A 117 -9.54 -3.90 14.23
CA THR A 117 -9.31 -4.61 12.97
C THR A 117 -10.25 -5.81 12.81
N PHE A 118 -10.35 -6.33 11.56
CA PHE A 118 -11.18 -7.53 11.45
C PHE A 118 -10.49 -8.71 12.12
N ALA A 119 -9.17 -8.69 12.25
CA ALA A 119 -8.50 -9.78 12.95
C ALA A 119 -8.94 -9.82 14.41
N LYS A 120 -9.08 -8.65 15.04
CA LYS A 120 -9.53 -8.66 16.44
C LYS A 120 -10.98 -9.14 16.55
N LEU A 121 -11.86 -8.63 15.68
CA LEU A 121 -13.25 -9.13 15.64
C LEU A 121 -13.27 -10.66 15.53
N LEU A 122 -12.43 -11.22 14.65
CA LEU A 122 -12.48 -12.65 14.41
C LEU A 122 -11.80 -13.42 15.54
N LYS A 123 -10.68 -12.90 16.03
CA LYS A 123 -10.06 -13.47 17.22
C LYS A 123 -11.03 -13.51 18.39
N ASP A 124 -11.86 -12.47 18.55
CA ASP A 124 -12.82 -12.53 19.65
C ASP A 124 -13.90 -13.57 19.42
N GLN A 125 -14.05 -14.11 18.21
CA GLN A 125 -14.99 -15.20 17.99
C GLN A 125 -14.32 -16.56 18.03
N GLY A 126 -13.05 -16.62 18.41
CA GLY A 126 -12.35 -17.88 18.53
C GLY A 126 -11.54 -18.29 17.33
N TYR A 127 -11.32 -17.41 16.36
CA TYR A 127 -10.47 -17.71 15.22
C TYR A 127 -9.01 -17.70 15.64
N SER A 128 -8.23 -18.62 15.08
CA SER A 128 -6.78 -18.45 15.10
C SER A 128 -6.39 -17.46 14.02
N THR A 129 -5.60 -16.45 14.36
CA THR A 129 -5.31 -15.35 13.45
C THR A 129 -3.81 -15.22 13.25
N ALA A 130 -3.40 -14.97 12.00
CA ALA A 130 -1.99 -14.83 11.67
C ALA A 130 -1.81 -13.83 10.54
N LEU A 131 -0.75 -13.03 10.63
CA LEU A 131 -0.29 -12.17 9.56
C LEU A 131 1.08 -12.67 9.11
N ILE A 132 1.22 -12.91 7.80
CA ILE A 132 2.46 -13.35 7.19
C ILE A 132 2.85 -12.30 6.15
N GLY A 133 4.02 -11.68 6.32
CA GLY A 133 4.49 -10.69 5.37
C GLY A 133 4.45 -9.25 5.90
N LYS A 134 3.92 -8.33 5.09
CA LYS A 134 4.03 -6.88 5.30
C LYS A 134 2.88 -6.33 6.15
N TRP A 135 3.22 -5.49 7.12
CA TRP A 135 2.23 -4.82 7.96
C TRP A 135 2.10 -3.36 7.54
N HIS A 136 3.13 -2.55 7.81
CA HIS A 136 3.24 -1.15 7.37
C HIS A 136 2.26 -0.22 8.08
N LEU A 137 1.83 -0.62 9.29
CA LEU A 137 0.92 0.18 10.10
C LEU A 137 1.53 0.55 11.45
N GLY A 138 2.86 0.57 11.54
CA GLY A 138 3.55 1.06 12.72
C GLY A 138 4.05 -0.08 13.58
N MET A 139 4.69 0.28 14.71
CA MET A 139 5.12 -0.84 15.56
C MET A 139 4.98 -0.39 17.03
N SER A 140 5.81 0.54 17.50
CA SER A 140 5.76 1.01 18.90
C SER A 140 5.56 2.52 18.97
N CYS A 141 5.19 3.01 20.17
CA CYS A 141 4.72 4.37 20.38
C CYS A 141 5.71 5.17 21.20
N HIS A 142 5.85 4.85 22.49
CA HIS A 142 6.67 5.60 23.44
C HIS A 142 7.95 4.88 23.81
N SER A 143 7.89 3.55 23.89
CA SER A 143 9.00 2.70 24.27
C SER A 143 9.19 1.64 23.19
N LYS A 144 10.43 1.16 23.00
CA LYS A 144 10.69 0.23 21.90
C LYS A 144 10.00 -1.12 22.12
N THR A 145 9.48 -1.37 23.33
CA THR A 145 8.83 -2.65 23.59
C THR A 145 7.35 -2.51 23.94
N ASP A 146 6.76 -1.33 23.76
CA ASP A 146 5.32 -1.29 24.00
C ASP A 146 4.51 -1.85 22.82
N PHE A 147 5.07 -1.84 21.60
CA PHE A 147 4.43 -2.47 20.46
C PHE A 147 2.98 -2.06 20.29
N CYS A 148 2.67 -0.80 20.63
CA CYS A 148 1.27 -0.35 20.63
C CYS A 148 0.59 -0.53 19.27
N HIS A 149 1.36 -0.49 18.17
CA HIS A 149 0.77 -0.60 16.83
C HIS A 149 1.08 -1.93 16.15
N HIS A 150 1.69 -2.85 16.88
CA HIS A 150 2.17 -4.12 16.33
C HIS A 150 1.00 -5.04 16.00
N PRO A 151 1.13 -5.92 14.99
CA PRO A 151 0.03 -6.85 14.66
C PRO A 151 -0.53 -7.59 15.84
N LEU A 152 0.33 -8.04 16.76
CA LEU A 152 -0.14 -8.84 17.89
C LEU A 152 -0.96 -8.01 18.87
N HIS A 153 -0.86 -6.69 18.79
CA HIS A 153 -1.74 -5.82 19.55
C HIS A 153 -2.96 -5.40 18.74
N HIS A 154 -3.12 -5.93 17.51
CA HIS A 154 -4.25 -5.55 16.68
C HIS A 154 -5.00 -6.78 16.17
N GLY A 155 -5.07 -7.84 16.97
CA GLY A 155 -5.92 -8.98 16.68
C GLY A 155 -5.24 -10.21 16.12
N PHE A 156 -3.95 -10.13 15.76
CA PHE A 156 -3.25 -11.29 15.23
C PHE A 156 -2.56 -12.03 16.36
N ASN A 157 -2.72 -13.35 16.37
CA ASN A 157 -2.04 -14.17 17.37
C ASN A 157 -0.62 -14.50 16.98
N TYR A 158 -0.29 -14.40 15.69
CA TYR A 158 1.01 -14.79 15.18
C TYR A 158 1.37 -13.85 14.04
N PHE A 159 2.65 -13.51 13.96
CA PHE A 159 3.16 -12.59 12.95
C PHE A 159 4.50 -13.11 12.49
N TYR A 160 4.65 -13.26 11.19
CA TYR A 160 5.94 -13.57 10.59
C TYR A 160 6.10 -12.61 9.42
N GLY A 161 7.11 -11.75 9.47
CA GLY A 161 7.29 -10.83 8.35
C GLY A 161 8.05 -9.57 8.66
N ILE A 162 7.62 -8.44 8.08
CA ILE A 162 8.30 -7.16 8.23
C ILE A 162 7.33 -6.10 8.73
N SER A 163 7.81 -5.22 9.58
CA SER A 163 6.88 -4.23 10.11
C SER A 163 6.71 -3.03 9.18
N LEU A 164 7.71 -2.74 8.36
CA LEU A 164 7.61 -1.59 7.47
C LEU A 164 7.22 -2.05 6.08
N THR A 165 8.13 -1.95 5.11
CA THR A 165 7.81 -2.26 3.73
C THR A 165 9.10 -2.67 3.03
N ASN A 166 8.97 -3.37 1.90
CA ASN A 166 10.11 -3.50 1.01
C ASN A 166 10.38 -2.14 0.39
N LEU A 167 11.63 -1.89 0.07
CA LEU A 167 12.00 -0.64 -0.58
C LEU A 167 13.20 -0.93 -1.42
N ARG A 168 13.44 -0.07 -2.41
CA ARG A 168 14.74 -0.09 -3.10
C ARG A 168 15.89 -0.16 -2.11
N ASP A 169 15.85 0.67 -1.05
CA ASP A 169 16.97 0.74 -0.11
C ASP A 169 17.19 -0.56 0.65
N CYS A 170 16.20 -1.45 0.70
CA CYS A 170 16.40 -2.69 1.43
C CYS A 170 17.33 -3.66 0.72
N LYS A 171 17.57 -3.47 -0.58
CA LYS A 171 18.39 -4.35 -1.39
C LYS A 171 19.56 -3.56 -1.94
N PRO A 172 20.79 -3.91 -1.59
CA PRO A 172 21.95 -3.08 -1.97
C PRO A 172 22.10 -3.00 -3.48
N GLY A 173 22.46 -1.81 -3.96
CA GLY A 173 22.58 -1.58 -5.38
C GLY A 173 21.27 -1.69 -6.12
N GLU A 174 20.20 -1.08 -5.58
CA GLU A 174 18.91 -1.09 -6.25
C GLU A 174 18.24 0.27 -6.26
N GLY A 175 19.00 1.32 -6.02
CA GLY A 175 18.44 2.65 -5.94
C GLY A 175 17.99 3.01 -4.54
N SER A 176 17.32 4.15 -4.46
CA SER A 176 16.81 4.68 -3.19
C SER A 176 15.49 5.40 -3.44
N VAL A 177 14.54 5.25 -2.51
CA VAL A 177 13.33 6.05 -2.52
C VAL A 177 13.56 7.45 -1.97
N PHE A 178 14.78 7.77 -1.53
CA PHE A 178 15.05 9.02 -0.84
C PHE A 178 15.78 10.03 -1.69
N THR A 179 15.90 9.79 -3.01
CA THR A 179 16.73 10.64 -3.85
C THR A 179 16.26 12.09 -3.82
N THR A 180 14.96 12.30 -4.00
CA THR A 180 14.38 13.64 -3.87
C THR A 180 14.77 14.28 -2.54
N GLY A 181 14.71 13.52 -1.45
CA GLY A 181 15.08 14.07 -0.15
C GLY A 181 16.55 14.40 -0.05
N PHE A 182 17.41 13.52 -0.58
CA PHE A 182 18.84 13.82 -0.60
C PHE A 182 19.12 15.13 -1.33
N LYS A 183 18.29 15.49 -2.31
CA LYS A 183 18.48 16.71 -3.09
C LYS A 183 18.27 17.96 -2.24
N ARG A 184 17.12 18.09 -1.56
CA ARG A 184 16.87 19.27 -0.72
C ARG A 184 17.84 19.32 0.45
N LEU A 185 18.04 18.19 1.12
CA LEU A 185 18.62 18.20 2.44
C LEU A 185 20.12 17.98 2.44
N VAL A 186 20.67 17.42 1.36
CA VAL A 186 22.08 17.08 1.36
C VAL A 186 22.81 17.72 0.18
N PHE A 187 22.46 17.32 -1.04
CA PHE A 187 23.24 17.72 -2.22
C PHE A 187 23.17 19.22 -2.45
N LEU A 188 21.96 19.79 -2.42
CA LEU A 188 21.87 21.23 -2.68
C LEU A 188 22.54 22.05 -1.59
N PRO A 189 22.29 21.83 -0.28
CA PRO A 189 23.06 22.59 0.72
C PRO A 189 24.55 22.41 0.57
N LEU A 190 24.98 21.20 0.22
CA LEU A 190 26.40 20.95 0.13
C LEU A 190 26.99 21.61 -1.12
N GLN A 191 26.20 21.77 -2.17
CA GLN A 191 26.67 22.52 -3.33
C GLN A 191 26.77 24.02 -3.04
N ILE A 192 25.83 24.55 -2.25
CA ILE A 192 25.89 25.96 -1.87
C ILE A 192 27.13 26.23 -1.03
N VAL A 193 27.34 25.41 -0.01
CA VAL A 193 28.53 25.54 0.82
C VAL A 193 29.80 25.42 -0.02
N GLY A 194 29.85 24.43 -0.91
CA GLY A 194 31.05 24.24 -1.70
C GLY A 194 31.32 25.38 -2.67
N VAL A 195 30.28 25.90 -3.31
CA VAL A 195 30.48 26.99 -4.26
C VAL A 195 30.84 28.28 -3.51
N THR A 196 30.22 28.50 -2.34
CA THR A 196 30.60 29.64 -1.51
C THR A 196 32.07 29.56 -1.12
N LEU A 197 32.52 28.37 -0.73
CA LEU A 197 33.90 28.21 -0.30
C LEU A 197 34.87 28.45 -1.45
N LEU A 198 34.58 27.89 -2.63
CA LEU A 198 35.46 28.11 -3.78
C LEU A 198 35.46 29.57 -4.24
N THR A 199 34.30 30.21 -4.22
CA THR A 199 34.25 31.63 -4.59
C THR A 199 35.02 32.50 -3.60
N LEU A 200 34.82 32.27 -2.30
CA LEU A 200 35.54 33.04 -1.28
C LEU A 200 37.05 32.86 -1.41
N ALA A 201 37.49 31.62 -1.59
CA ALA A 201 38.91 31.36 -1.78
C ALA A 201 39.45 32.11 -2.97
N ALA A 202 38.67 32.20 -4.06
CA ALA A 202 39.20 32.92 -5.22
C ALA A 202 39.22 34.43 -4.97
N LEU A 203 38.16 34.97 -4.35
CA LEU A 203 38.13 36.41 -4.03
C LEU A 203 39.25 36.77 -3.07
N ASN A 204 39.47 35.94 -2.06
CA ASN A 204 40.60 36.15 -1.15
C ASN A 204 41.91 36.16 -1.91
N CYS A 205 42.11 35.18 -2.79
CA CYS A 205 43.36 35.04 -3.52
C CYS A 205 43.56 36.18 -4.51
N LEU A 206 42.48 36.72 -5.06
CA LEU A 206 42.65 37.85 -5.98
C LEU A 206 42.76 39.18 -5.26
N GLY A 207 42.63 39.21 -3.93
CA GLY A 207 42.80 40.46 -3.22
C GLY A 207 41.58 41.34 -3.26
N LEU A 208 40.39 40.76 -3.41
CA LEU A 208 39.14 41.51 -3.40
C LEU A 208 38.44 41.43 -2.08
N LEU A 209 38.87 40.54 -1.20
CA LEU A 209 38.11 40.30 0.00
C LEU A 209 39.06 39.61 0.96
N HIS A 210 39.16 40.13 2.18
CA HIS A 210 39.82 39.36 3.23
C HIS A 210 38.78 38.42 3.82
N VAL A 211 39.03 37.11 3.71
CA VAL A 211 38.12 36.10 4.26
C VAL A 211 38.74 35.60 5.54
N PRO A 212 38.15 35.85 6.70
CA PRO A 212 38.70 35.34 7.95
C PRO A 212 38.65 33.83 7.98
N LEU A 213 39.65 33.24 8.66
CA LEU A 213 39.70 31.79 8.76
C LEU A 213 38.43 31.25 9.40
N GLY A 214 37.84 31.99 10.34
CA GLY A 214 36.58 31.56 10.93
C GLY A 214 35.50 31.28 9.90
N VAL A 215 35.47 32.02 8.80
CA VAL A 215 34.46 31.81 7.77
C VAL A 215 34.74 30.51 7.02
N PHE A 216 36.01 30.31 6.63
CA PHE A 216 36.39 29.03 6.03
C PHE A 216 36.09 27.89 6.99
N PHE A 217 36.42 28.08 8.28
CA PHE A 217 36.15 27.03 9.25
C PHE A 217 34.67 26.69 9.31
N SER A 218 33.82 27.72 9.35
CA SER A 218 32.39 27.50 9.46
C SER A 218 31.87 26.69 8.27
N LEU A 219 32.33 27.06 7.08
CA LEU A 219 31.88 26.38 5.87
C LEU A 219 32.33 24.92 5.87
N LEU A 220 33.60 24.68 6.19
CA LEU A 220 34.10 23.30 6.23
C LEU A 220 33.39 22.50 7.30
N PHE A 221 33.16 23.11 8.46
CA PHE A 221 32.45 22.44 9.54
C PHE A 221 31.05 22.06 9.09
N LEU A 222 30.35 22.99 8.45
CA LEU A 222 28.99 22.68 8.02
C LEU A 222 28.98 21.58 6.96
N ALA A 223 29.91 21.63 6.00
CA ALA A 223 29.98 20.55 5.00
C ALA A 223 30.26 19.22 5.67
N ALA A 224 31.22 19.17 6.60
CA ALA A 224 31.53 17.91 7.28
C ALA A 224 30.33 17.37 8.03
N LEU A 225 29.53 18.24 8.66
CA LEU A 225 28.38 17.75 9.42
C LEU A 225 27.31 17.18 8.51
N ILE A 226 26.96 17.90 7.43
CA ILE A 226 25.98 17.42 6.48
C ILE A 226 26.43 16.07 5.89
N LEU A 227 27.70 15.95 5.56
CA LEU A 227 28.19 14.72 4.93
C LEU A 227 28.22 13.57 5.91
N THR A 228 28.60 13.83 7.16
CA THR A 228 28.55 12.77 8.18
C THR A 228 27.14 12.26 8.40
N LEU A 229 26.18 13.18 8.53
CA LEU A 229 24.79 12.74 8.68
C LEU A 229 24.35 11.92 7.47
N PHE A 230 24.74 12.35 6.27
CA PHE A 230 24.36 11.64 5.05
C PHE A 230 24.98 10.26 5.00
N LEU A 231 26.28 10.16 5.29
CA LEU A 231 26.94 8.86 5.32
C LEU A 231 26.37 7.97 6.40
N GLY A 232 25.98 8.57 7.54
CA GLY A 232 25.32 7.78 8.56
C GLY A 232 24.00 7.21 8.07
N PHE A 233 23.22 8.02 7.35
CA PHE A 233 21.96 7.51 6.79
C PHE A 233 22.23 6.39 5.79
N LEU A 234 23.20 6.59 4.90
CA LEU A 234 23.54 5.56 3.92
C LEU A 234 23.96 4.27 4.60
N HIS A 235 24.68 4.37 5.71
CA HIS A 235 25.20 3.15 6.34
C HIS A 235 24.13 2.42 7.14
N TYR A 236 23.25 3.16 7.83
CA TYR A 236 22.38 2.55 8.82
C TYR A 236 20.96 2.31 8.36
N PHE A 237 20.49 2.94 7.28
CA PHE A 237 19.06 2.84 6.99
C PHE A 237 18.61 1.39 6.77
N ARG A 238 19.38 0.63 5.98
CA ARG A 238 18.91 -0.73 5.63
C ARG A 238 18.81 -1.62 6.85
N PRO A 239 19.85 -1.81 7.66
CA PRO A 239 19.69 -2.68 8.83
C PRO A 239 18.72 -2.14 9.86
N LEU A 240 18.59 -0.82 9.98
CA LEU A 240 17.68 -0.30 11.00
C LEU A 240 16.22 -0.37 10.59
N ASN A 241 15.94 -0.52 9.29
CA ASN A 241 14.57 -0.46 8.80
C ASN A 241 14.13 -1.64 7.93
N CYS A 242 15.06 -2.49 7.50
CA CYS A 242 14.73 -3.66 6.66
C CYS A 242 15.10 -4.93 7.42
N PHE A 243 14.17 -5.45 8.23
CA PHE A 243 14.47 -6.63 9.03
C PHE A 243 13.22 -7.47 9.20
N MET A 244 13.44 -8.78 9.43
CA MET A 244 12.37 -9.74 9.63
C MET A 244 12.08 -9.95 11.10
N MET A 245 10.80 -10.13 11.43
CA MET A 245 10.34 -10.38 12.79
C MET A 245 9.50 -11.64 12.82
N ARG A 246 9.54 -12.33 13.97
CA ARG A 246 8.50 -13.27 14.38
C ARG A 246 7.94 -12.78 15.69
N ASN A 247 6.64 -12.50 15.73
CA ASN A 247 5.97 -11.97 16.93
C ASN A 247 6.72 -10.73 17.36
N TYR A 248 7.26 -10.65 18.57
CA TYR A 248 7.89 -9.43 19.04
C TYR A 248 9.39 -9.44 18.86
N GLU A 249 9.95 -10.42 18.17
CA GLU A 249 11.40 -10.52 18.11
C GLU A 249 11.92 -10.38 16.68
N ILE A 250 13.08 -9.74 16.55
CA ILE A 250 13.79 -9.65 15.27
C ILE A 250 14.45 -11.00 15.02
N ILE A 251 14.30 -11.51 13.81
CA ILE A 251 14.87 -12.81 13.45
C ILE A 251 15.90 -12.72 12.35
N GLN A 252 15.96 -11.62 11.59
CA GLN A 252 16.94 -11.48 10.52
C GLN A 252 17.16 -10.00 10.27
N GLN A 253 18.37 -9.53 10.50
CA GLN A 253 18.61 -8.10 10.40
C GLN A 253 20.01 -7.86 9.87
N PRO A 254 20.18 -7.23 8.70
CA PRO A 254 19.12 -6.86 7.74
C PRO A 254 18.43 -8.08 7.13
N MET A 255 17.23 -7.88 6.59
CA MET A 255 16.49 -8.92 5.88
C MET A 255 17.30 -9.48 4.73
N SER A 256 17.30 -10.82 4.59
CA SER A 256 17.87 -11.46 3.41
C SER A 256 16.78 -11.71 2.39
N TYR A 257 17.10 -11.49 1.12
CA TYR A 257 16.16 -11.79 0.05
C TYR A 257 16.23 -13.24 -0.42
N ASP A 258 17.18 -14.03 0.08
CA ASP A 258 17.34 -15.45 -0.25
C ASP A 258 16.09 -16.24 0.08
N ASN A 259 15.40 -16.80 -0.93
CA ASN A 259 14.20 -17.60 -0.70
C ASN A 259 13.12 -16.85 0.11
N LEU A 260 13.11 -15.52 0.05
CA LEU A 260 12.15 -14.74 0.83
C LEU A 260 10.71 -15.22 0.64
N THR A 261 10.25 -15.24 -0.62
CA THR A 261 8.88 -15.65 -0.89
C THR A 261 8.61 -17.08 -0.44
N GLN A 262 9.63 -17.96 -0.55
CA GLN A 262 9.44 -19.34 -0.13
C GLN A 262 9.32 -19.44 1.39
N ARG A 263 10.15 -18.68 2.11
CA ARG A 263 10.03 -18.59 3.57
C ARG A 263 8.64 -18.12 3.99
N LEU A 264 8.11 -17.09 3.33
CA LEU A 264 6.74 -16.66 3.64
C LEU A 264 5.74 -17.77 3.32
N THR A 265 5.93 -18.48 2.21
CA THR A 265 5.01 -19.57 1.85
C THR A 265 5.01 -20.66 2.93
N VAL A 266 6.19 -21.06 3.40
CA VAL A 266 6.29 -22.14 4.39
C VAL A 266 5.61 -21.75 5.69
N GLU A 267 5.82 -20.51 6.15
CA GLU A 267 5.18 -20.02 7.37
C GLU A 267 3.67 -19.99 7.23
N ALA A 268 3.18 -19.56 6.08
CA ALA A 268 1.73 -19.55 5.88
C ALA A 268 1.18 -20.96 5.79
N ALA A 269 1.90 -21.88 5.14
CA ALA A 269 1.43 -23.27 5.05
C ALA A 269 1.45 -23.93 6.42
N GLN A 270 2.53 -23.72 7.19
CA GLN A 270 2.60 -24.26 8.55
C GLN A 270 1.46 -23.73 9.43
N PHE A 271 1.16 -22.44 9.35
CA PHE A 271 0.04 -21.91 10.13
C PHE A 271 -1.25 -22.65 9.83
N ILE A 272 -1.54 -22.87 8.54
CA ILE A 272 -2.74 -23.60 8.17
C ILE A 272 -2.72 -25.00 8.76
N GLN A 273 -1.56 -25.65 8.72
CA GLN A 273 -1.46 -27.03 9.20
C GLN A 273 -1.66 -27.13 10.71
N ARG A 274 -1.38 -26.05 11.46
CA ARG A 274 -1.65 -25.98 12.89
C ARG A 274 -3.12 -25.83 13.22
N ASN A 275 -3.98 -25.70 12.21
CA ASN A 275 -5.36 -25.27 12.38
C ASN A 275 -6.27 -26.01 11.45
N THR A 276 -6.04 -27.31 11.24
CA THR A 276 -6.91 -28.02 10.32
C THR A 276 -8.28 -28.31 10.93
N GLU A 277 -8.41 -28.25 12.26
CA GLU A 277 -9.69 -28.42 12.92
C GLU A 277 -10.20 -27.16 13.62
N THR A 278 -9.47 -26.05 13.54
CA THR A 278 -9.80 -24.77 14.18
C THR A 278 -10.06 -23.74 13.10
N PRO A 279 -11.17 -23.01 13.13
CA PRO A 279 -11.36 -21.94 12.16
C PRO A 279 -10.22 -20.93 12.27
N PHE A 280 -9.67 -20.55 11.13
CA PHE A 280 -8.49 -19.71 11.11
C PHE A 280 -8.67 -18.59 10.11
N LEU A 281 -7.90 -17.53 10.35
CA LEU A 281 -7.82 -16.36 9.51
C LEU A 281 -6.33 -16.15 9.22
N LEU A 282 -5.97 -16.25 7.96
CA LEU A 282 -4.63 -16.02 7.49
C LEU A 282 -4.68 -14.78 6.60
N VAL A 283 -3.92 -13.76 6.99
CA VAL A 283 -3.65 -12.64 6.10
C VAL A 283 -2.26 -12.86 5.54
N LEU A 284 -2.15 -12.99 4.22
CA LEU A 284 -0.87 -13.25 3.60
C LEU A 284 -0.55 -12.04 2.75
N SER A 285 0.41 -11.25 3.20
CA SER A 285 0.67 -9.90 2.69
C SER A 285 2.06 -9.93 2.08
N TYR A 286 2.13 -10.20 0.77
CA TYR A 286 3.40 -10.41 0.08
C TYR A 286 4.24 -9.14 0.10
N LEU A 287 5.57 -9.33 -0.02
CA LEU A 287 6.48 -8.24 -0.33
C LEU A 287 6.46 -7.89 -1.81
N HIS A 288 6.32 -8.92 -2.67
CA HIS A 288 6.06 -8.74 -4.09
C HIS A 288 4.78 -7.94 -4.29
N VAL A 289 4.75 -7.08 -5.32
CA VAL A 289 5.86 -6.85 -6.24
C VAL A 289 6.40 -5.43 -6.05
N HIS A 290 6.50 -5.00 -4.80
CA HIS A 290 7.06 -3.70 -4.48
C HIS A 290 8.57 -3.70 -4.73
N THR A 291 9.10 -2.55 -5.15
CA THR A 291 10.48 -2.52 -5.64
C THR A 291 11.55 -2.73 -4.54
N ALA A 292 12.76 -2.98 -5.07
CA ALA A 292 13.62 -4.12 -4.72
C ALA A 292 12.94 -5.43 -5.12
N LEU A 293 12.81 -5.61 -6.43
CA LEU A 293 12.32 -6.86 -6.98
C LEU A 293 13.35 -7.97 -6.79
N PHE A 294 12.86 -9.20 -6.72
CA PHE A 294 13.70 -10.35 -6.42
C PHE A 294 12.96 -11.61 -6.85
N SER A 295 13.71 -12.70 -6.97
CA SER A 295 13.17 -14.01 -7.34
C SER A 295 14.15 -15.10 -6.91
N SER A 296 13.60 -16.25 -6.58
CA SER A 296 14.44 -17.41 -6.37
C SER A 296 15.10 -17.82 -7.68
N LYS A 297 15.98 -18.82 -7.59
CA LYS A 297 16.63 -19.37 -8.78
C LYS A 297 15.62 -20.01 -9.73
N ASP A 298 14.50 -20.50 -9.19
CA ASP A 298 13.52 -21.22 -9.99
C ASP A 298 12.73 -20.30 -10.92
N PHE A 299 12.83 -18.98 -10.74
CA PHE A 299 12.05 -18.03 -11.52
C PHE A 299 12.89 -16.98 -12.22
N ALA A 300 14.17 -16.86 -11.86
CA ALA A 300 14.97 -15.74 -12.32
C ALA A 300 15.34 -15.89 -13.79
N GLY A 301 15.11 -14.82 -14.56
CA GLY A 301 15.54 -14.71 -15.93
C GLY A 301 14.51 -15.12 -16.97
N LYS A 302 13.48 -15.85 -16.55
CA LYS A 302 12.55 -16.51 -17.44
C LYS A 302 11.18 -15.84 -17.31
N SER A 303 11.00 -14.72 -18.01
CA SER A 303 9.76 -13.96 -17.83
C SER A 303 9.51 -13.02 -19.00
N GLN A 304 8.36 -12.34 -18.93
CA GLN A 304 7.91 -11.37 -19.91
C GLN A 304 8.68 -10.06 -19.78
N HIS A 305 8.33 -9.25 -18.78
CA HIS A 305 8.85 -7.89 -18.71
C HIS A 305 9.86 -7.75 -17.56
N GLY A 306 10.97 -8.48 -17.67
CA GLY A 306 12.09 -8.30 -16.76
C GLY A 306 11.91 -8.93 -15.40
N VAL A 307 12.74 -8.48 -14.44
CA VAL A 307 12.69 -9.03 -13.09
C VAL A 307 11.31 -8.81 -12.48
N TYR A 308 10.60 -7.81 -12.97
CA TYR A 308 9.22 -7.63 -12.56
C TYR A 308 8.39 -8.88 -12.83
N GLY A 309 8.48 -9.41 -14.07
CA GLY A 309 7.72 -10.59 -14.40
C GLY A 309 8.09 -11.79 -13.55
N ASP A 310 9.39 -11.99 -13.30
CA ASP A 310 9.81 -13.11 -12.46
C ASP A 310 9.22 -13.00 -11.06
N ALA A 311 9.12 -11.77 -10.54
CA ALA A 311 8.56 -11.57 -9.21
C ALA A 311 7.07 -11.84 -9.20
N VAL A 312 6.34 -11.28 -10.18
CA VAL A 312 4.91 -11.52 -10.31
C VAL A 312 4.60 -13.01 -10.35
N GLU A 313 5.40 -13.77 -11.09
CA GLU A 313 5.00 -15.17 -11.21
C GLU A 313 5.63 -16.04 -10.13
N GLU A 314 6.71 -15.58 -9.49
CA GLU A 314 7.08 -16.19 -8.20
C GLU A 314 5.95 -16.04 -7.19
N MET A 315 5.31 -14.88 -7.18
CA MET A 315 4.18 -14.66 -6.29
C MET A 315 3.02 -15.59 -6.62
N ASP A 316 2.74 -15.77 -7.90
CA ASP A 316 1.66 -16.68 -8.29
C ASP A 316 1.98 -18.11 -7.90
N TRP A 317 3.26 -18.51 -8.01
CA TRP A 317 3.67 -19.82 -7.53
C TRP A 317 3.32 -20.01 -6.06
N SER A 318 3.70 -19.02 -5.22
CA SER A 318 3.41 -19.11 -3.80
C SER A 318 1.91 -19.30 -3.56
N VAL A 319 1.08 -18.56 -4.31
CA VAL A 319 -0.36 -18.70 -4.16
C VAL A 319 -0.80 -20.11 -4.50
N GLY A 320 -0.27 -20.67 -5.58
CA GLY A 320 -0.62 -22.04 -5.94
C GLY A 320 -0.25 -23.03 -4.86
N GLN A 321 0.86 -22.79 -4.17
CA GLN A 321 1.29 -23.67 -3.10
C GLN A 321 0.28 -23.68 -1.96
N ILE A 322 -0.26 -22.51 -1.61
CA ILE A 322 -1.32 -22.48 -0.60
C ILE A 322 -2.57 -23.18 -1.12
N LEU A 323 -2.96 -22.89 -2.37
CA LEU A 323 -4.12 -23.55 -2.99
C LEU A 323 -3.98 -25.06 -2.96
N ASN A 324 -2.80 -25.58 -3.34
CA ASN A 324 -2.63 -27.04 -3.35
C ASN A 324 -2.69 -27.59 -1.94
N LEU A 325 -2.24 -26.82 -0.95
CA LEU A 325 -2.34 -27.25 0.44
C LEU A 325 -3.79 -27.47 0.86
N LEU A 326 -4.66 -26.48 0.65
CA LEU A 326 -6.06 -26.64 1.04
C LEU A 326 -6.69 -27.88 0.36
N ASP A 327 -6.28 -28.17 -0.87
CA ASP A 327 -6.78 -29.35 -1.56
C ASP A 327 -6.28 -30.62 -0.89
N GLU A 328 -4.97 -30.70 -0.68
CA GLU A 328 -4.38 -31.80 0.08
C GLU A 328 -5.07 -31.98 1.43
N LEU A 329 -5.31 -30.87 2.15
CA LEU A 329 -5.88 -30.99 3.50
C LEU A 329 -7.40 -31.08 3.52
N ARG A 330 -8.07 -30.95 2.36
CA ARG A 330 -9.53 -31.08 2.28
C ARG A 330 -10.25 -29.90 2.95
N LEU A 331 -9.59 -28.73 2.96
CA LEU A 331 -10.14 -27.49 3.48
C LEU A 331 -10.59 -26.52 2.38
N ALA A 332 -10.36 -26.85 1.11
CA ALA A 332 -10.62 -25.90 0.03
C ALA A 332 -12.10 -25.54 -0.08
N ASN A 333 -12.99 -26.49 0.19
CA ASN A 333 -14.41 -26.22 -0.06
C ASN A 333 -14.98 -25.21 0.92
N ASP A 334 -14.53 -25.17 2.17
CA ASP A 334 -15.10 -24.22 3.12
C ASP A 334 -14.06 -23.20 3.60
N THR A 335 -13.13 -22.84 2.72
CA THR A 335 -12.22 -21.72 2.94
C THR A 335 -12.61 -20.62 1.97
N LEU A 336 -12.87 -19.42 2.50
CA LEU A 336 -13.03 -18.25 1.66
C LEU A 336 -11.65 -17.68 1.37
N ILE A 337 -11.33 -17.47 0.09
CA ILE A 337 -10.07 -16.86 -0.27
C ILE A 337 -10.36 -15.57 -1.02
N TYR A 338 -9.64 -14.52 -0.67
CA TYR A 338 -9.71 -13.22 -1.32
C TYR A 338 -8.32 -12.85 -1.82
N PHE A 339 -8.23 -12.37 -3.06
CA PHE A 339 -6.95 -11.89 -3.60
C PHE A 339 -7.08 -10.46 -4.09
N THR A 340 -6.13 -9.60 -3.71
CA THR A 340 -6.13 -8.21 -4.16
C THR A 340 -4.70 -7.70 -4.15
N SER A 341 -4.50 -6.45 -4.58
CA SER A 341 -3.28 -5.75 -4.20
C SER A 341 -3.68 -4.47 -3.48
N ASP A 342 -2.72 -3.88 -2.76
CA ASP A 342 -3.11 -2.75 -1.91
C ASP A 342 -3.44 -1.51 -2.73
N GLN A 343 -2.84 -1.36 -3.91
CA GLN A 343 -3.14 -0.26 -4.83
C GLN A 343 -2.53 -0.65 -6.17
N GLY A 344 -2.71 0.23 -7.15
CA GLY A 344 -2.29 -0.07 -8.50
C GLY A 344 -0.80 -0.02 -8.65
N ALA A 345 -0.33 -0.44 -9.82
CA ALA A 345 1.09 -0.49 -10.10
C ALA A 345 1.68 0.91 -10.18
N HIS A 346 2.99 0.98 -10.02
CA HIS A 346 3.71 2.26 -9.90
C HIS A 346 4.31 2.61 -11.24
N VAL A 347 3.75 3.63 -11.89
CA VAL A 347 4.16 3.97 -13.26
C VAL A 347 5.57 4.50 -13.30
N GLU A 348 5.91 5.40 -12.36
CA GLU A 348 7.17 6.13 -12.35
C GLU A 348 8.33 5.32 -11.87
N GLU A 349 8.18 4.01 -11.71
CA GLU A 349 9.23 3.19 -11.12
C GLU A 349 10.14 2.68 -12.23
N VAL A 350 11.24 3.39 -12.46
CA VAL A 350 12.16 3.04 -13.55
C VAL A 350 13.58 3.05 -13.02
N SER A 351 14.28 1.94 -13.19
CA SER A 351 15.69 1.83 -12.84
C SER A 351 16.49 2.97 -13.46
N SER A 352 17.59 3.32 -12.80
CA SER A 352 18.52 4.30 -13.38
C SER A 352 19.04 3.82 -14.72
N LYS A 353 19.33 2.52 -14.84
CA LYS A 353 19.68 1.97 -16.15
C LYS A 353 18.48 1.83 -17.07
N GLY A 354 17.32 2.42 -16.75
CA GLY A 354 16.13 2.31 -17.56
C GLY A 354 15.39 0.99 -17.47
N GLU A 355 15.88 0.05 -16.67
CA GLU A 355 15.21 -1.22 -16.47
C GLU A 355 13.82 -0.98 -15.89
N ILE A 356 12.79 -1.39 -16.62
CA ILE A 356 11.41 -1.00 -16.34
C ILE A 356 10.79 -1.84 -15.24
N HIS A 357 10.86 -1.34 -14.01
CA HIS A 357 10.21 -1.91 -12.84
C HIS A 357 8.80 -1.33 -12.72
N GLY A 358 8.02 -1.86 -11.80
CA GLY A 358 6.62 -1.47 -11.78
C GLY A 358 5.78 -2.13 -12.85
N GLY A 359 4.55 -2.48 -12.48
CA GLY A 359 3.67 -3.23 -13.37
C GLY A 359 2.79 -2.38 -14.25
N SER A 360 1.73 -3.00 -14.74
CA SER A 360 0.83 -2.41 -15.70
C SER A 360 -0.56 -2.28 -15.12
N ASN A 361 -1.16 -1.10 -15.28
CA ASN A 361 -2.57 -0.88 -14.97
C ASN A 361 -3.46 -1.06 -16.19
N GLY A 362 -2.91 -1.55 -17.29
CA GLY A 362 -3.70 -1.81 -18.49
C GLY A 362 -4.35 -0.56 -19.04
N ILE A 363 -5.67 -0.65 -19.23
CA ILE A 363 -6.43 0.39 -19.91
C ILE A 363 -6.37 1.70 -19.14
N TYR A 364 -6.41 1.62 -17.81
CA TYR A 364 -6.71 2.77 -16.97
C TYR A 364 -5.52 3.71 -16.85
N LYS A 365 -5.83 4.96 -16.55
CA LYS A 365 -4.88 6.04 -16.47
C LYS A 365 -4.22 6.08 -15.08
N GLY A 366 -3.07 6.76 -14.99
CA GLY A 366 -2.45 6.99 -13.70
C GLY A 366 -1.94 5.71 -13.04
N GLY A 367 -1.92 5.72 -11.70
CA GLY A 367 -1.43 4.55 -10.99
C GLY A 367 -1.17 4.84 -9.52
N LYS A 368 -0.17 4.17 -8.97
CA LYS A 368 0.14 4.34 -7.55
C LYS A 368 0.33 5.83 -7.24
N ALA A 369 -0.20 6.27 -6.11
CA ALA A 369 -0.10 7.62 -5.57
C ALA A 369 -0.92 8.67 -6.30
N ASN A 370 -1.72 8.31 -7.30
CA ASN A 370 -2.84 9.17 -7.71
C ASN A 370 -4.15 8.41 -7.73
N ASN A 371 -5.23 9.19 -7.84
CA ASN A 371 -6.60 8.71 -7.85
C ASN A 371 -7.20 8.61 -9.25
N TRP A 372 -6.37 8.60 -10.30
CA TRP A 372 -6.90 8.10 -11.56
C TRP A 372 -7.20 6.60 -11.41
N GLU A 373 -7.97 6.07 -12.36
CA GLU A 373 -8.51 4.72 -12.20
C GLU A 373 -7.41 3.69 -11.97
N GLY A 374 -6.27 3.84 -12.64
CA GLY A 374 -5.17 2.90 -12.47
C GLY A 374 -4.55 2.92 -11.09
N GLY A 375 -4.80 3.98 -10.32
CA GLY A 375 -4.34 4.07 -8.94
C GLY A 375 -5.12 3.22 -7.96
N ILE A 376 -6.43 3.16 -8.13
CA ILE A 376 -7.30 2.59 -7.11
C ILE A 376 -8.02 1.33 -7.57
N ARG A 377 -8.23 1.13 -8.86
CA ARG A 377 -8.89 -0.08 -9.36
C ARG A 377 -7.88 -1.22 -9.36
N VAL A 378 -8.10 -2.21 -8.50
CA VAL A 378 -7.13 -3.27 -8.24
C VAL A 378 -7.84 -4.60 -8.49
N PRO A 379 -7.07 -5.67 -8.73
CA PRO A 379 -7.72 -6.99 -8.77
C PRO A 379 -8.44 -7.28 -7.47
N GLY A 380 -9.54 -8.00 -7.61
CA GLY A 380 -10.31 -8.45 -6.48
C GLY A 380 -10.96 -9.78 -6.81
N ILE A 381 -10.44 -10.86 -6.24
CA ILE A 381 -10.91 -12.21 -6.54
C ILE A 381 -11.36 -12.85 -5.23
N LEU A 382 -12.52 -13.51 -5.26
CA LEU A 382 -13.04 -14.22 -4.11
C LEU A 382 -13.38 -15.64 -4.55
N ARG A 383 -12.93 -16.63 -3.79
CA ARG A 383 -13.34 -18.01 -4.01
C ARG A 383 -13.81 -18.61 -2.70
N TRP A 384 -14.95 -19.31 -2.73
CA TRP A 384 -15.51 -20.02 -1.60
C TRP A 384 -16.39 -21.10 -2.19
N PRO A 385 -15.81 -22.26 -2.53
CA PRO A 385 -16.50 -23.19 -3.43
C PRO A 385 -17.85 -23.66 -2.92
N ARG A 386 -18.05 -23.72 -1.60
CA ARG A 386 -19.30 -24.22 -1.07
C ARG A 386 -20.45 -23.24 -1.28
N VAL A 387 -20.17 -21.94 -1.39
CA VAL A 387 -21.17 -20.89 -1.34
C VAL A 387 -21.17 -20.00 -2.57
N ILE A 388 -20.00 -19.70 -3.13
CA ILE A 388 -19.88 -18.73 -4.22
C ILE A 388 -19.81 -19.48 -5.55
N GLN A 389 -20.74 -19.18 -6.46
CA GLN A 389 -20.78 -19.79 -7.79
C GLN A 389 -19.51 -19.45 -8.56
N ALA A 390 -18.89 -20.46 -9.16
CA ALA A 390 -17.66 -20.26 -9.91
C ALA A 390 -17.91 -19.61 -11.27
N GLY A 391 -16.91 -18.85 -11.72
CA GLY A 391 -16.93 -18.23 -13.04
C GLY A 391 -17.71 -16.93 -13.14
N GLN A 392 -18.06 -16.31 -12.02
CA GLN A 392 -18.83 -15.08 -11.98
C GLN A 392 -17.94 -13.86 -12.23
N LYS A 393 -18.59 -12.71 -12.40
CA LYS A 393 -17.92 -11.46 -12.73
C LYS A 393 -18.79 -10.31 -12.23
N ILE A 394 -18.34 -9.58 -11.22
CA ILE A 394 -19.11 -8.49 -10.62
C ILE A 394 -18.53 -7.17 -11.11
N ASP A 395 -19.31 -6.40 -11.85
CA ASP A 395 -18.87 -5.09 -12.33
C ASP A 395 -19.29 -3.95 -11.40
N GLU A 396 -20.05 -4.25 -10.35
CA GLU A 396 -20.51 -3.21 -9.45
C GLU A 396 -19.34 -2.65 -8.64
N PRO A 397 -19.38 -1.35 -8.30
CA PRO A 397 -18.32 -0.76 -7.48
C PRO A 397 -18.25 -1.40 -6.11
N THR A 398 -17.07 -1.92 -5.77
CA THR A 398 -16.77 -2.44 -4.44
C THR A 398 -15.47 -1.81 -3.96
N SER A 399 -15.23 -1.90 -2.65
CA SER A 399 -14.09 -1.27 -1.98
C SER A 399 -13.28 -2.35 -1.28
N ASN A 400 -11.97 -2.12 -1.12
CA ASN A 400 -11.23 -3.06 -0.28
C ASN A 400 -11.58 -2.89 1.21
N MET A 401 -12.35 -1.86 1.56
CA MET A 401 -12.95 -1.77 2.89
C MET A 401 -14.11 -2.74 3.09
N ASP A 402 -14.61 -3.38 2.03
CA ASP A 402 -15.75 -4.28 2.14
C ASP A 402 -15.39 -5.60 2.82
N ILE A 403 -14.10 -5.94 2.87
CA ILE A 403 -13.71 -7.23 3.43
C ILE A 403 -14.03 -7.28 4.90
N PHE A 404 -13.75 -6.18 5.62
CA PHE A 404 -13.99 -6.11 7.05
C PHE A 404 -15.41 -6.55 7.44
N PRO A 405 -16.49 -5.95 6.91
CA PRO A 405 -17.82 -6.46 7.28
C PRO A 405 -18.14 -7.83 6.66
N THR A 406 -17.58 -8.16 5.51
CA THR A 406 -17.82 -9.49 4.94
C THR A 406 -17.39 -10.58 5.91
N VAL A 407 -16.12 -10.52 6.34
CA VAL A 407 -15.56 -11.56 7.21
C VAL A 407 -16.17 -11.50 8.60
N ALA A 408 -16.55 -10.31 9.08
CA ALA A 408 -17.17 -10.21 10.40
C ALA A 408 -18.47 -11.00 10.46
N LYS A 409 -19.36 -10.78 9.50
CA LYS A 409 -20.60 -11.54 9.48
C LYS A 409 -20.33 -13.03 9.37
N LEU A 410 -19.38 -13.42 8.51
CA LEU A 410 -19.09 -14.83 8.32
C LEU A 410 -18.64 -15.48 9.62
N ALA A 411 -17.89 -14.73 10.43
CA ALA A 411 -17.39 -15.25 11.69
C ALA A 411 -18.41 -15.19 12.81
N GLY A 412 -19.56 -14.55 12.59
CA GLY A 412 -20.48 -14.26 13.68
C GLY A 412 -20.04 -13.13 14.57
N ALA A 413 -19.15 -12.26 14.09
CA ALA A 413 -18.75 -11.12 14.93
C ALA A 413 -19.63 -9.92 14.63
N PRO A 414 -20.25 -9.32 15.64
CA PRO A 414 -21.03 -8.11 15.39
C PRO A 414 -20.13 -6.95 14.99
N LEU A 415 -20.68 -6.08 14.14
CA LEU A 415 -19.93 -4.90 13.73
C LEU A 415 -19.82 -3.91 14.89
N PRO A 416 -18.77 -3.11 14.93
CA PRO A 416 -18.69 -2.04 15.93
C PRO A 416 -19.81 -1.02 15.71
N GLU A 417 -20.51 -0.67 16.79
CA GLU A 417 -21.67 0.22 16.69
C GLU A 417 -21.39 1.60 17.26
N ASP A 418 -20.20 1.84 17.80
CA ASP A 418 -19.78 3.13 18.34
C ASP A 418 -19.06 4.00 17.32
N ARG A 419 -19.05 3.61 16.06
CA ARG A 419 -18.21 4.27 15.06
C ARG A 419 -18.73 3.90 13.68
N ILE A 420 -18.37 4.71 12.69
CA ILE A 420 -18.81 4.47 11.32
C ILE A 420 -17.93 3.41 10.68
N ILE A 421 -18.57 2.50 9.95
CA ILE A 421 -17.90 1.53 9.09
C ILE A 421 -18.30 1.87 7.66
N ASP A 422 -17.32 2.17 6.81
CA ASP A 422 -17.66 2.53 5.43
C ASP A 422 -17.80 1.32 4.51
N GLY A 423 -17.10 0.23 4.81
CA GLY A 423 -17.26 -0.97 4.01
C GLY A 423 -18.64 -1.59 4.16
N ARG A 424 -18.97 -2.44 3.20
CA ARG A 424 -20.28 -3.09 3.12
C ARG A 424 -20.09 -4.57 2.80
N ASP A 425 -20.80 -5.43 3.53
CA ASP A 425 -20.77 -6.87 3.29
C ASP A 425 -20.94 -7.19 1.81
N LEU A 426 -20.03 -8.02 1.28
CA LEU A 426 -20.07 -8.44 -0.13
C LEU A 426 -20.91 -9.67 -0.40
N MET A 427 -21.30 -10.42 0.62
CA MET A 427 -21.87 -11.73 0.32
C MET A 427 -23.24 -11.69 -0.36
N PRO A 428 -24.16 -10.78 -0.03
CA PRO A 428 -25.42 -10.73 -0.81
C PRO A 428 -25.17 -10.56 -2.29
N LEU A 429 -24.19 -9.73 -2.64
CA LEU A 429 -23.78 -9.54 -4.02
C LEU A 429 -23.08 -10.80 -4.55
N LEU A 430 -22.20 -11.40 -3.77
CA LEU A 430 -21.47 -12.58 -4.23
C LEU A 430 -22.38 -13.79 -4.40
N GLU A 431 -23.47 -13.87 -3.65
CA GLU A 431 -24.40 -14.99 -3.72
C GLU A 431 -25.55 -14.76 -4.69
N GLY A 432 -25.57 -13.63 -5.38
CA GLY A 432 -26.67 -13.33 -6.27
C GLY A 432 -27.96 -12.90 -5.60
N LYS A 433 -27.94 -12.63 -4.29
CA LYS A 433 -29.14 -12.13 -3.63
C LYS A 433 -29.40 -10.67 -4.00
N SER A 434 -28.36 -9.94 -4.38
CA SER A 434 -28.48 -8.53 -4.74
C SER A 434 -27.78 -8.30 -6.08
N GLN A 435 -28.23 -7.29 -6.80
CA GLN A 435 -27.62 -6.95 -8.08
C GLN A 435 -26.77 -5.70 -8.06
N ARG A 436 -27.08 -4.72 -7.20
CA ARG A 436 -26.33 -3.47 -7.14
C ARG A 436 -25.74 -3.31 -5.74
N SER A 437 -24.45 -2.98 -5.68
CA SER A 437 -23.75 -2.88 -4.41
C SER A 437 -24.23 -1.67 -3.61
N ASP A 438 -23.92 -1.69 -2.31
CA ASP A 438 -24.36 -0.63 -1.40
C ASP A 438 -23.32 0.49 -1.32
N HIS A 439 -23.01 1.06 -2.49
CA HIS A 439 -21.95 2.05 -2.60
C HIS A 439 -22.34 3.12 -3.63
N GLU A 440 -23.51 3.74 -3.43
CA GLU A 440 -23.92 4.78 -4.35
C GLU A 440 -22.86 5.88 -4.45
N PHE A 441 -22.23 6.22 -3.34
CA PHE A 441 -21.15 7.18 -3.32
C PHE A 441 -19.91 6.54 -2.69
N LEU A 442 -18.76 6.71 -3.34
CA LEU A 442 -17.48 6.43 -2.71
C LEU A 442 -16.61 7.67 -2.85
N PHE A 443 -15.66 7.82 -1.94
CA PHE A 443 -14.78 8.98 -1.92
C PHE A 443 -13.34 8.54 -2.10
N HIS A 444 -12.61 9.27 -2.94
CA HIS A 444 -11.24 8.92 -3.30
C HIS A 444 -10.34 9.98 -2.70
N TYR A 445 -9.62 9.60 -1.64
CA TYR A 445 -8.71 10.51 -0.96
C TYR A 445 -7.32 10.42 -1.56
N CYS A 446 -6.67 11.58 -1.68
CA CYS A 446 -5.23 11.64 -1.94
C CYS A 446 -4.58 11.96 -0.59
N ASN A 447 -4.07 10.94 0.08
CA ASN A 447 -3.69 11.06 1.49
C ASN A 447 -4.84 11.75 2.22
N ALA A 448 -4.57 12.86 2.89
CA ALA A 448 -5.61 13.50 3.70
C ALA A 448 -6.58 14.38 2.89
N TYR A 449 -6.31 14.63 1.61
CA TYR A 449 -7.09 15.57 0.80
C TYR A 449 -8.07 14.82 -0.09
N LEU A 450 -9.35 15.18 0.00
CA LEU A 450 -10.37 14.59 -0.85
C LEU A 450 -10.08 14.87 -2.31
N ASN A 451 -9.70 13.84 -3.07
CA ASN A 451 -9.31 14.00 -4.46
C ASN A 451 -10.52 13.93 -5.39
N ALA A 452 -11.25 12.83 -5.34
CA ALA A 452 -12.33 12.59 -6.29
C ALA A 452 -13.53 11.99 -5.57
N VAL A 453 -14.71 12.26 -6.12
CA VAL A 453 -15.96 11.65 -5.66
C VAL A 453 -16.46 10.74 -6.77
N ARG A 454 -16.93 9.56 -6.38
CA ARG A 454 -17.50 8.58 -7.30
C ARG A 454 -18.98 8.42 -7.00
N TRP A 455 -19.81 8.54 -8.03
CA TRP A 455 -21.26 8.40 -7.88
C TRP A 455 -21.78 7.48 -8.98
N HIS A 456 -22.15 6.28 -8.58
CA HIS A 456 -22.80 5.28 -9.43
C HIS A 456 -24.27 5.32 -9.07
N PRO A 457 -25.06 6.16 -9.73
CA PRO A 457 -26.42 6.43 -9.25
C PRO A 457 -27.30 5.21 -9.34
N GLN A 458 -28.37 5.24 -8.56
CA GLN A 458 -29.22 4.07 -8.42
C GLN A 458 -30.24 4.06 -9.54
N ASN A 459 -30.57 2.85 -10.01
CA ASN A 459 -31.31 2.61 -11.25
C ASN A 459 -30.55 3.12 -12.47
N SER A 460 -29.24 3.35 -12.32
CA SER A 460 -28.41 3.83 -13.42
C SER A 460 -27.20 2.92 -13.61
N THR A 461 -26.60 3.05 -14.79
CA THR A 461 -25.41 2.29 -15.20
C THR A 461 -24.14 3.12 -15.21
N SER A 462 -24.23 4.43 -15.40
CA SER A 462 -23.03 5.24 -15.48
C SER A 462 -22.39 5.43 -14.11
N ILE A 463 -21.12 5.83 -14.13
CA ILE A 463 -20.31 6.03 -12.94
C ILE A 463 -19.75 7.44 -13.03
N TRP A 464 -20.38 8.39 -12.35
CA TRP A 464 -19.91 9.77 -12.36
C TRP A 464 -18.72 9.92 -11.42
N LYS A 465 -17.68 10.61 -11.89
CA LYS A 465 -16.44 10.77 -11.15
C LYS A 465 -15.96 12.20 -11.34
N ALA A 466 -15.99 12.99 -10.28
CA ALA A 466 -15.51 14.38 -10.30
C ALA A 466 -14.13 14.47 -9.67
N PHE A 467 -13.36 15.44 -10.12
CA PHE A 467 -12.01 15.66 -9.62
C PHE A 467 -11.91 17.08 -9.09
N PHE A 468 -11.85 17.22 -7.76
CA PHE A 468 -11.58 18.51 -7.16
C PHE A 468 -10.20 19.02 -7.56
N PHE A 469 -9.27 18.10 -7.89
CA PHE A 469 -7.94 18.45 -8.33
C PHE A 469 -7.32 17.25 -9.04
N THR A 470 -6.18 17.49 -9.69
CA THR A 470 -5.48 16.48 -10.46
C THR A 470 -3.99 16.68 -10.31
N PRO A 471 -3.20 15.61 -10.31
CA PRO A 471 -1.75 15.75 -10.16
C PRO A 471 -1.09 16.14 -11.46
N ASN A 472 -0.16 17.09 -11.38
CA ASN A 472 0.54 17.61 -12.55
C ASN A 472 1.60 16.60 -12.99
N PHE A 473 1.27 15.76 -13.98
CA PHE A 473 2.22 14.77 -14.47
C PHE A 473 3.51 15.44 -14.93
N ASN A 474 4.64 14.95 -14.44
CA ASN A 474 5.87 15.74 -14.52
C ASN A 474 6.43 15.83 -15.93
N PRO A 475 6.71 14.72 -16.63
CA PRO A 475 7.11 14.87 -18.04
C PRO A 475 5.89 15.01 -18.93
N VAL A 476 6.07 15.77 -20.01
CA VAL A 476 4.93 16.16 -20.84
C VAL A 476 4.29 14.93 -21.47
N GLY A 477 2.97 14.83 -21.33
CA GLY A 477 2.24 13.68 -21.81
C GLY A 477 2.58 12.36 -21.16
N SER A 478 3.47 12.36 -20.18
CA SER A 478 3.92 11.13 -19.56
C SER A 478 2.84 10.55 -18.66
N ASN A 479 2.93 9.24 -18.43
CA ASN A 479 1.92 8.53 -17.64
C ASN A 479 2.06 8.79 -16.13
N GLY A 480 3.20 9.33 -15.69
CA GLY A 480 3.41 9.57 -14.28
C GLY A 480 4.23 10.82 -13.96
N CYS A 481 4.67 10.93 -12.71
CA CYS A 481 5.33 12.11 -12.17
C CYS A 481 6.78 11.72 -11.90
N PHE A 482 7.59 11.75 -12.94
CA PHE A 482 8.92 11.14 -12.87
C PHE A 482 9.96 12.05 -12.23
N ALA A 483 9.62 13.29 -11.86
CA ALA A 483 10.58 14.18 -11.20
C ALA A 483 10.66 13.88 -9.70
N THR A 484 9.51 13.72 -9.06
CA THR A 484 9.45 13.41 -7.64
C THR A 484 9.07 11.94 -7.39
N HIS A 485 9.09 11.12 -8.44
CA HIS A 485 9.01 9.66 -8.38
C HIS A 485 7.55 9.24 -8.10
N VAL A 486 6.78 10.09 -7.44
CA VAL A 486 5.36 9.91 -7.19
C VAL A 486 4.72 11.30 -7.23
N CYS A 487 3.46 11.38 -7.69
CA CYS A 487 2.81 12.64 -7.42
C CYS A 487 2.28 12.75 -6.00
N PHE A 488 1.95 13.97 -5.64
CA PHE A 488 1.49 14.40 -4.34
C PHE A 488 0.06 14.88 -4.46
N CYS A 489 -0.45 15.50 -3.40
CA CYS A 489 -1.88 15.75 -3.26
C CYS A 489 -2.22 17.21 -3.00
N PHE A 490 -1.26 18.12 -3.11
CA PHE A 490 -1.48 19.44 -2.56
C PHE A 490 -0.41 20.37 -3.12
N GLY A 491 -0.77 21.64 -3.28
CA GLY A 491 0.23 22.68 -3.58
C GLY A 491 0.69 22.65 -5.03
N SER A 492 2.00 22.75 -5.21
CA SER A 492 2.58 22.92 -6.55
C SER A 492 2.43 21.69 -7.43
N TYR A 493 2.22 20.52 -6.85
CA TYR A 493 2.18 19.26 -7.58
C TYR A 493 0.81 18.95 -8.15
N VAL A 494 -0.15 19.85 -7.96
CA VAL A 494 -1.55 19.56 -8.21
C VAL A 494 -2.19 20.81 -8.83
N THR A 495 -3.33 20.60 -9.49
CA THR A 495 -4.08 21.67 -10.13
C THR A 495 -5.56 21.52 -9.76
N HIS A 496 -6.09 22.47 -8.99
CA HIS A 496 -7.49 22.45 -8.64
C HIS A 496 -8.36 22.66 -9.88
N HIS A 497 -9.64 22.30 -9.75
CA HIS A 497 -10.60 22.44 -10.84
C HIS A 497 -11.92 22.91 -10.25
N ASP A 498 -12.35 24.11 -10.64
CA ASP A 498 -13.70 24.57 -10.36
C ASP A 498 -14.38 24.93 -11.68
N PRO A 499 -15.57 24.39 -11.96
CA PRO A 499 -16.28 23.38 -11.14
C PRO A 499 -15.53 22.05 -11.13
N PRO A 500 -15.95 21.12 -10.26
CA PRO A 500 -15.36 19.78 -10.29
C PRO A 500 -15.38 19.18 -11.68
N LEU A 501 -14.33 18.44 -12.01
CA LEU A 501 -14.02 18.00 -13.36
C LEU A 501 -14.56 16.59 -13.56
N LEU A 502 -15.59 16.45 -14.40
CA LEU A 502 -16.50 15.32 -14.37
C LEU A 502 -16.19 14.27 -15.46
N PHE A 503 -16.46 13.02 -15.10
CA PHE A 503 -16.22 11.86 -15.95
C PHE A 503 -17.40 10.90 -15.91
N ASP A 504 -17.48 10.04 -16.93
CA ASP A 504 -18.39 8.88 -16.95
C ASP A 504 -17.57 7.62 -17.19
N ILE A 505 -17.18 6.95 -16.10
CA ILE A 505 -16.32 5.78 -16.18
C ILE A 505 -16.99 4.61 -16.89
N SER A 506 -18.33 4.60 -16.94
CA SER A 506 -19.04 3.54 -17.67
C SER A 506 -18.69 3.56 -19.15
N LYS A 507 -18.59 4.76 -19.74
CA LYS A 507 -18.44 4.88 -21.19
C LYS A 507 -16.97 4.80 -21.63
N ASP A 508 -16.04 5.42 -20.90
CA ASP A 508 -14.62 5.26 -21.19
C ASP A 508 -13.87 4.91 -19.91
N PRO A 509 -13.33 3.69 -19.81
CA PRO A 509 -12.49 3.38 -18.64
C PRO A 509 -11.19 4.15 -18.64
N ARG A 510 -10.60 4.36 -19.81
CA ARG A 510 -9.31 5.03 -19.98
C ARG A 510 -9.31 6.47 -19.48
N GLU A 511 -10.47 7.00 -19.07
CA GLU A 511 -10.58 8.38 -18.55
C GLU A 511 -9.99 9.40 -19.52
N ARG A 512 -10.04 9.10 -20.82
CA ARG A 512 -9.28 9.86 -21.80
C ARG A 512 -10.01 11.08 -22.34
N ASN A 513 -11.25 11.32 -21.93
CA ASN A 513 -11.92 12.53 -22.37
C ASN A 513 -12.81 13.13 -21.26
N PRO A 514 -12.47 14.32 -20.77
CA PRO A 514 -13.26 14.93 -19.70
C PRO A 514 -14.62 15.37 -20.21
N LEU A 515 -15.67 14.95 -19.50
CA LEU A 515 -17.03 15.20 -19.95
C LEU A 515 -17.37 16.68 -19.83
N THR A 516 -17.86 17.25 -20.93
CA THR A 516 -18.53 18.54 -20.89
C THR A 516 -19.62 18.69 -21.94
N PRO A 517 -19.43 18.30 -23.22
CA PRO A 517 -20.46 18.65 -24.21
C PRO A 517 -21.64 17.69 -24.17
N ALA A 518 -21.40 16.47 -23.69
CA ALA A 518 -22.42 15.43 -23.67
C ALA A 518 -23.47 15.74 -22.61
N SER A 519 -23.09 15.63 -21.34
CA SER A 519 -24.01 15.82 -20.22
C SER A 519 -24.05 17.25 -19.72
N GLU A 520 -23.82 18.23 -20.59
CA GLU A 520 -23.87 19.63 -20.16
C GLU A 520 -25.21 20.03 -19.56
N PRO A 521 -26.38 19.58 -20.07
CA PRO A 521 -27.64 19.90 -19.37
C PRO A 521 -27.84 19.12 -18.09
N ARG A 522 -26.76 18.64 -17.48
CA ARG A 522 -26.86 17.86 -16.25
C ARG A 522 -25.83 18.21 -15.19
N PHE A 523 -24.74 18.91 -15.52
CA PHE A 523 -23.69 19.30 -14.57
C PHE A 523 -24.21 19.78 -13.22
N TYR A 524 -24.75 21.00 -13.19
CA TYR A 524 -25.02 21.67 -11.93
C TYR A 524 -26.03 20.91 -11.07
N GLU A 525 -26.91 20.12 -11.69
CA GLU A 525 -27.85 19.34 -10.90
C GLU A 525 -27.18 18.11 -10.28
N ILE A 526 -26.29 17.46 -11.02
CA ILE A 526 -25.64 16.26 -10.50
C ILE A 526 -24.37 16.58 -9.70
N LEU A 527 -23.70 17.70 -10.01
CA LEU A 527 -22.59 18.11 -9.16
C LEU A 527 -23.09 18.56 -7.79
N LYS A 528 -24.27 19.15 -7.73
CA LYS A 528 -24.83 19.55 -6.43
C LYS A 528 -25.18 18.36 -5.57
N VAL A 529 -25.60 17.24 -6.18
CA VAL A 529 -25.88 16.05 -5.39
C VAL A 529 -24.58 15.30 -5.04
N MET A 530 -23.52 15.47 -5.84
CA MET A 530 -22.25 14.87 -5.45
C MET A 530 -21.51 15.73 -4.46
N GLN A 531 -21.61 17.06 -4.60
CA GLN A 531 -21.00 17.96 -3.63
C GLN A 531 -21.69 17.87 -2.28
N GLU A 532 -23.01 17.64 -2.26
CA GLU A 532 -23.67 17.43 -0.97
C GLU A 532 -23.23 16.13 -0.33
N ALA A 533 -22.97 15.11 -1.14
CA ALA A 533 -22.48 13.85 -0.61
C ALA A 533 -21.15 14.06 0.10
N ALA A 534 -20.19 14.71 -0.58
CA ALA A 534 -18.94 15.11 0.07
C ALA A 534 -19.21 16.00 1.27
N ASP A 535 -20.10 16.99 1.12
CA ASP A 535 -20.43 17.87 2.23
C ASP A 535 -20.97 17.07 3.41
N ARG A 536 -22.00 16.24 3.16
CA ARG A 536 -22.51 15.37 4.22
C ARG A 536 -21.40 14.46 4.74
N HIS A 537 -20.52 14.01 3.85
CA HIS A 537 -19.47 13.07 4.23
C HIS A 537 -18.50 13.72 5.21
N THR A 538 -17.85 14.81 4.80
CA THR A 538 -16.85 15.41 5.68
C THR A 538 -17.46 15.97 6.94
N GLN A 539 -18.78 15.90 7.11
CA GLN A 539 -19.39 16.23 8.38
C GLN A 539 -19.38 15.07 9.37
N THR A 540 -19.00 13.87 8.94
CA THR A 540 -18.80 12.74 9.84
C THR A 540 -17.35 12.56 10.25
N LEU A 541 -16.43 13.35 9.66
CA LEU A 541 -15.02 13.20 9.94
C LEU A 541 -14.68 13.90 11.24
N PRO A 542 -14.27 13.19 12.28
CA PRO A 542 -13.98 13.86 13.53
C PRO A 542 -12.52 14.22 13.63
N GLU A 543 -12.14 14.64 14.81
CA GLU A 543 -10.97 15.41 14.97
C GLU A 543 -10.07 14.59 15.87
N VAL A 544 -9.09 14.02 15.17
CA VAL A 544 -8.27 12.87 15.51
C VAL A 544 -6.78 13.18 15.41
N PRO A 545 -5.96 12.51 16.20
CA PRO A 545 -4.50 12.63 16.05
C PRO A 545 -4.04 12.25 14.65
N ASP A 546 -2.96 12.92 14.21
CA ASP A 546 -2.35 12.70 12.91
C ASP A 546 -1.22 11.70 13.09
N GLN A 547 -1.41 10.47 12.56
CA GLN A 547 -0.35 9.49 12.71
C GLN A 547 0.84 9.79 11.80
N PHE A 548 0.70 10.78 10.92
CA PHE A 548 1.78 11.20 10.03
C PHE A 548 2.34 12.58 10.37
N SER A 549 2.14 13.05 11.58
CA SER A 549 2.80 14.30 11.95
C SER A 549 4.31 14.07 12.05
N TRP A 550 5.07 15.17 12.03
CA TRP A 550 6.52 15.05 12.09
C TRP A 550 6.92 14.26 13.32
N ASN A 551 6.32 14.59 14.46
CA ASN A 551 6.42 13.84 15.70
C ASN A 551 6.28 12.34 15.51
N ASN A 552 5.40 11.93 14.63
CA ASN A 552 5.04 10.52 14.46
C ASN A 552 5.67 9.86 13.22
N PHE A 553 6.29 10.64 12.35
CA PHE A 553 6.95 10.12 11.15
C PHE A 553 8.46 9.96 11.30
N LEU A 554 9.09 10.84 12.09
CA LEU A 554 10.54 10.98 12.15
C LEU A 554 11.18 9.88 13.01
N TRP A 555 12.45 9.61 12.72
CA TRP A 555 13.21 8.57 13.40
C TRP A 555 13.42 8.95 14.86
N LYS A 556 13.01 8.07 15.78
CA LYS A 556 13.23 8.32 17.20
C LYS A 556 14.24 7.30 17.72
N PRO A 557 15.40 7.74 18.19
CA PRO A 557 16.45 6.77 18.58
C PRO A 557 15.98 5.75 19.58
N TRP A 558 15.14 6.15 20.55
CA TRP A 558 14.71 5.25 21.61
C TRP A 558 13.69 4.22 21.13
N LEU A 559 13.18 4.33 19.90
CA LEU A 559 12.28 3.32 19.34
C LEU A 559 13.00 2.27 18.52
N GLN A 560 14.32 2.38 18.33
CA GLN A 560 15.00 1.56 17.35
C GLN A 560 15.23 0.16 17.91
N LEU A 561 14.62 -0.84 17.25
CA LEU A 561 14.90 -2.23 17.55
C LEU A 561 16.23 -2.62 16.93
N CYS A 562 17.09 -3.26 17.72
CA CYS A 562 18.44 -3.58 17.29
C CYS A 562 18.77 -4.99 17.76
N CYS A 563 18.84 -5.94 16.83
CA CYS A 563 19.17 -7.32 17.16
C CYS A 563 20.62 -7.36 17.67
N PRO A 564 20.86 -7.86 18.87
CA PRO A 564 22.18 -7.72 19.49
C PRO A 564 23.29 -8.34 18.64
N SER A 565 24.33 -7.53 18.37
CA SER A 565 25.52 -7.96 17.66
C SER A 565 26.76 -7.31 18.27
N THR A 566 27.92 -7.58 17.68
CA THR A 566 29.17 -6.97 18.12
C THR A 566 29.17 -5.46 17.87
N GLY A 567 29.82 -4.73 18.77
CA GLY A 567 29.77 -3.28 18.71
C GLY A 567 28.35 -2.77 18.94
N LEU A 568 28.09 -1.55 18.45
CA LEU A 568 26.73 -1.01 18.42
C LEU A 568 25.98 -1.40 17.15
N SER A 569 26.31 -2.54 16.55
CA SER A 569 25.71 -2.94 15.28
C SER A 569 24.44 -3.74 15.52
N CYS A 570 23.46 -3.50 14.66
CA CYS A 570 22.18 -4.18 14.70
C CYS A 570 22.20 -5.26 13.63
N GLN A 571 22.25 -6.52 14.04
CA GLN A 571 22.58 -7.54 13.07
C GLN A 571 22.47 -8.95 13.63
N CYS A 572 21.68 -9.80 12.99
CA CYS A 572 21.61 -11.21 13.31
C CYS A 572 20.91 -11.95 12.18
N ASP A 573 21.11 -13.28 12.15
CA ASP A 573 20.33 -14.17 11.28
C ASP A 573 19.94 -15.39 12.11
N ARG A 574 18.99 -15.18 13.02
CA ARG A 574 18.44 -16.27 13.83
C ARG A 574 17.61 -17.23 13.00
N GLU A 575 17.35 -16.88 11.74
CA GLU A 575 16.68 -17.78 10.81
C GLU A 575 17.69 -18.75 10.20
N LYS A 576 18.69 -18.21 9.52
CA LYS A 576 19.89 -18.94 9.08
C LYS A 576 19.58 -20.23 8.31
CA CA B . 1.87 -0.76 -2.15
C1 NAG C . 0.93 -6.93 -19.38
C2 NAG C . 0.50 -5.58 -19.97
C3 NAG C . 1.70 -4.88 -20.59
C4 NAG C . 2.82 -4.75 -19.57
C5 NAG C . 3.15 -6.11 -18.94
C6 NAG C . 4.15 -6.00 -17.82
C7 NAG C . -1.36 -4.75 -21.34
C8 NAG C . -2.41 -5.10 -22.36
N2 NAG C . -0.56 -5.75 -20.94
O3 NAG C . 1.31 -3.58 -21.03
O4 NAG C . 3.99 -4.23 -20.19
O5 NAG C . 1.97 -6.72 -18.41
O6 NAG C . 3.72 -6.69 -16.66
O7 NAG C . -1.23 -3.61 -20.91
C1 NAG D . -15.53 -30.34 -2.52
C2 NAG D . -15.21 -31.78 -2.10
C3 NAG D . -14.97 -32.65 -3.32
C4 NAG D . -16.15 -32.56 -4.28
C5 NAG D . -16.44 -31.10 -4.62
C6 NAG D . -17.67 -30.93 -5.48
C7 NAG D . -14.18 -32.03 0.11
C8 NAG D . -12.90 -32.03 0.89
N2 NAG D . -14.07 -31.82 -1.21
O3 NAG D . -14.75 -34.00 -2.95
O4 NAG D . -15.88 -33.29 -5.46
O5 NAG D . -16.65 -30.34 -3.42
O6 NAG D . -18.86 -30.91 -4.70
O7 NAG D . -15.27 -32.21 0.66
P PO4 E . 6.90 10.72 23.45
O1 PO4 E . 6.74 9.09 23.49
O2 PO4 E . 8.05 11.17 24.43
O3 PO4 E . 7.30 11.12 21.92
O4 PO4 E . 5.62 11.32 23.79
C1 BOG F . 20.99 1.96 18.10
O1 BOG F . 21.23 1.42 19.32
C2 BOG F . 20.91 3.46 18.28
O2 BOG F . 19.77 3.85 19.10
C3 BOG F . 20.80 4.16 16.97
O3 BOG F . 20.85 5.59 17.29
C4 BOG F . 21.92 3.77 16.03
O4 BOG F . 21.78 4.37 14.75
C5 BOG F . 21.95 2.25 15.84
O5 BOG F . 22.10 1.57 17.13
C6 BOG F . 23.09 1.91 14.92
O6 BOG F . 23.99 1.00 15.52
C1' BOG F . 20.11 0.71 19.93
C2' BOG F . 20.53 0.31 21.36
C3' BOG F . 19.32 -0.27 22.05
C4' BOG F . 19.23 -1.79 21.72
C5' BOG F . 17.78 -2.31 22.05
C6' BOG F . 17.03 -2.55 20.75
C7' BOG F . 16.20 -3.83 20.81
C8' BOG F . 17.04 -5.03 21.37
C1 BOG G . 18.62 9.06 10.41
O1 BOG G . 18.29 9.99 11.34
C2 BOG G . 20.02 8.67 10.81
O2 BOG G . 20.95 9.67 10.29
C3 BOG G . 20.45 7.32 10.41
O3 BOG G . 21.18 6.87 11.58
C4 BOG G . 19.42 6.23 10.25
O4 BOG G . 19.70 5.39 9.13
C5 BOG G . 17.95 6.60 10.11
O5 BOG G . 17.56 7.95 10.47
C6 BOG G . 17.30 5.64 11.08
O6 BOG G . 16.54 4.58 10.50
C1' BOG G . 18.26 11.38 10.89
C2' BOG G . 18.93 12.32 11.91
C3' BOG G . 18.34 13.71 11.71
C4' BOG G . 19.48 14.75 11.41
C5' BOG G . 19.10 16.25 11.79
C6' BOG G . 20.33 17.05 12.25
C7' BOG G . 20.16 18.57 12.34
C8' BOG G . 21.20 19.21 13.36
#